data_9B2E
#
_entry.id   9B2E
#
_cell.length_a   81.386
_cell.length_b   81.386
_cell.length_c   74.862
_cell.angle_alpha   90.00
_cell.angle_beta   90.00
_cell.angle_gamma   90.00
#
_symmetry.space_group_name_H-M   'P 4 21 2'
#
loop_
_entity.id
_entity.type
_entity.pdbx_description
1 polymer '7,8-dihydroneopterin aldolase'
2 non-polymer 2-amino-8-sulfanyl-1,9-dihydro-6H-purin-6-one
3 water water
#
_entity_poly.entity_id   1
_entity_poly.type   'polypeptide(L)'
_entity_poly.pdbx_seq_one_letter_code
;MADRIELRGLTVHGRHGVYDHERVAGQRFVIDVTVWIDLAEAANSDDLADTYDYVRLASRAAEIVAGPPRKLIETVGAEI
ADHVMDDQRVHAVEVAVHKPQAPIPQTFDDVAVVIRRSRRG
;
_entity_poly.pdbx_strand_id   A,B
#
loop_
_chem_comp.id
_chem_comp.type
_chem_comp.name
_chem_comp.formula
B55 non-polymer 2-amino-8-sulfanyl-1,9-dihydro-6H-purin-6-one 'C5 H5 N5 O S'
#
# COMPACT_ATOMS: atom_id res chain seq x y z
N ALA A 2 -9.48 29.69 5.28
CA ALA A 2 -10.24 29.11 4.15
C ALA A 2 -10.46 27.62 4.39
N ASP A 3 -10.97 26.90 3.38
CA ASP A 3 -11.23 25.45 3.54
C ASP A 3 -10.03 24.63 3.05
N ARG A 4 -10.03 23.33 3.34
CA ARG A 4 -8.92 22.49 2.86
C ARG A 4 -9.34 21.04 2.63
N ILE A 5 -8.61 20.41 1.74
CA ILE A 5 -8.73 18.98 1.41
C ILE A 5 -7.42 18.35 1.90
N GLU A 6 -7.52 17.26 2.63
CA GLU A 6 -6.35 16.66 3.26
C GLU A 6 -6.29 15.20 2.86
N LEU A 7 -5.24 14.82 2.16
CA LEU A 7 -4.96 13.43 1.84
C LEU A 7 -3.80 13.00 2.73
N ARG A 8 -3.92 11.86 3.39
CA ARG A 8 -2.91 11.45 4.35
C ARG A 8 -2.50 10.00 4.13
N GLY A 9 -1.21 9.72 4.23
CA GLY A 9 -0.74 8.35 4.23
C GLY A 9 -0.77 7.64 2.89
N LEU A 10 -0.72 8.38 1.79
CA LEU A 10 -0.67 7.76 0.47
C LEU A 10 0.64 6.99 0.35
N THR A 11 0.54 5.66 0.24
CA THR A 11 1.70 4.77 0.36
C THR A 11 2.03 4.15 -1.00
N VAL A 12 3.23 4.43 -1.50
CA VAL A 12 3.62 4.11 -2.87
C VAL A 12 5.08 3.66 -2.87
N HIS A 13 5.36 2.51 -3.49
CA HIS A 13 6.72 2.07 -3.69
C HIS A 13 7.43 2.96 -4.70
N GLY A 14 8.67 3.35 -4.39
CA GLY A 14 9.46 4.14 -5.32
C GLY A 14 10.94 3.82 -5.24
N ARG A 15 11.73 4.55 -6.02
CA ARG A 15 13.18 4.31 -6.05
C ARG A 15 14.00 5.58 -5.84
N HIS A 16 13.38 6.68 -5.44
CA HIS A 16 14.12 7.92 -5.21
C HIS A 16 15.24 7.72 -4.21
N GLY A 17 16.34 8.43 -4.43
CA GLY A 17 17.48 8.36 -3.53
C GLY A 17 18.75 8.93 -4.13
N VAL A 18 19.58 9.53 -3.27
CA VAL A 18 20.86 10.06 -3.75
C VAL A 18 21.80 8.94 -4.13
N TYR A 19 21.72 7.79 -3.45
CA TYR A 19 22.74 6.76 -3.54
C TYR A 19 22.30 5.56 -4.38
N ASP A 20 23.25 5.06 -5.17
CA ASP A 20 22.97 3.98 -6.12
C ASP A 20 22.20 2.85 -5.46
N HIS A 21 22.66 2.43 -4.28
CA HIS A 21 22.08 1.24 -3.66
C HIS A 21 20.60 1.40 -3.36
N GLU A 22 20.11 2.64 -3.24
CA GLU A 22 18.70 2.92 -3.01
C GLU A 22 17.85 2.69 -4.23
N ARG A 23 18.45 2.63 -5.41
CA ARG A 23 17.68 2.56 -6.65
C ARG A 23 17.66 1.15 -7.23
N VAL A 24 18.29 0.18 -6.56
CA VAL A 24 18.26 -1.20 -7.06
C VAL A 24 16.88 -1.80 -6.84
N ALA A 25 16.40 -1.74 -5.59
CA ALA A 25 15.09 -2.27 -5.22
C ALA A 25 14.09 -1.21 -4.77
N GLY A 26 14.56 -0.05 -4.29
CA GLY A 26 13.63 1.00 -3.89
C GLY A 26 13.06 0.74 -2.50
N GLN A 27 12.06 1.53 -2.13
CA GLN A 27 11.57 1.51 -0.76
C GLN A 27 10.20 2.16 -0.71
N ARG A 28 9.61 2.16 0.48
CA ARG A 28 8.29 2.74 0.71
C ARG A 28 8.36 4.24 0.88
N PHE A 29 7.47 4.94 0.17
CA PHE A 29 7.28 6.36 0.33
C PHE A 29 5.86 6.63 0.79
N VAL A 30 5.66 7.67 1.59
CA VAL A 30 4.34 8.03 2.11
C VAL A 30 4.13 9.52 1.85
N ILE A 31 3.00 9.87 1.21
CA ILE A 31 2.71 11.24 0.79
C ILE A 31 1.49 11.77 1.54
N ASP A 32 1.60 13.00 2.02
CA ASP A 32 0.46 13.78 2.47
C ASP A 32 0.29 14.96 1.54
N VAL A 33 -0.95 15.34 1.23
CA VAL A 33 -1.22 16.55 0.47
C VAL A 33 -2.30 17.33 1.18
N THR A 34 -2.06 18.64 1.37
CA THR A 34 -3.05 19.55 1.92
C THR A 34 -3.27 20.67 0.90
N VAL A 35 -4.52 20.90 0.55
CA VAL A 35 -4.90 21.85 -0.49
C VAL A 35 -5.81 22.89 0.13
N TRP A 36 -5.43 24.16 0.03
CA TRP A 36 -6.28 25.25 0.51
C TRP A 36 -7.08 25.81 -0.66
N ILE A 37 -8.40 25.81 -0.51
CA ILE A 37 -9.30 26.11 -1.62
C ILE A 37 -10.65 26.44 -1.02
N ASP A 38 -11.36 27.38 -1.64
CA ASP A 38 -12.68 27.75 -1.17
C ASP A 38 -13.66 26.64 -1.51
N LEU A 39 -14.34 26.07 -0.51
CA LEU A 39 -15.27 24.96 -0.73
C LEU A 39 -16.74 25.37 -0.62
N ALA A 40 -17.04 26.65 -0.47
CA ALA A 40 -18.43 27.06 -0.30
C ALA A 40 -19.25 26.73 -1.53
N GLU A 41 -18.70 26.97 -2.72
CA GLU A 41 -19.48 26.78 -3.93
C GLU A 41 -19.89 25.32 -4.08
N ALA A 42 -18.98 24.39 -3.74
CA ALA A 42 -19.26 22.96 -3.87
C ALA A 42 -20.33 22.50 -2.88
N ALA A 43 -20.40 23.11 -1.70
CA ALA A 43 -21.48 22.76 -0.78
C ALA A 43 -22.82 23.27 -1.29
N ASN A 44 -22.81 24.38 -2.04
CA ASN A 44 -24.03 24.87 -2.64
C ASN A 44 -24.52 23.96 -3.77
N SER A 45 -23.60 23.56 -4.65
CA SER A 45 -23.98 22.79 -5.82
C SER A 45 -24.02 21.31 -5.55
N ASP A 46 -23.28 20.85 -4.55
CA ASP A 46 -23.05 19.43 -4.29
C ASP A 46 -22.54 18.74 -5.56
N ASP A 47 -21.80 19.51 -6.37
CA ASP A 47 -21.27 19.08 -7.66
C ASP A 47 -19.76 18.91 -7.56
N LEU A 48 -19.29 17.68 -7.78
CA LEU A 48 -17.86 17.39 -7.75
C LEU A 48 -17.05 18.36 -8.61
N ALA A 49 -17.61 18.80 -9.75
CA ALA A 49 -16.90 19.75 -10.61
C ALA A 49 -16.54 21.04 -9.88
N ASP A 50 -17.24 21.39 -8.80
CA ASP A 50 -16.98 22.61 -8.06
C ASP A 50 -15.95 22.46 -6.95
N THR A 51 -15.37 21.27 -6.79
CA THR A 51 -14.29 21.12 -5.83
C THR A 51 -13.11 20.47 -6.52
N TYR A 52 -12.05 20.25 -5.73
CA TYR A 52 -10.84 19.58 -6.19
C TYR A 52 -10.97 18.09 -5.86
N ASP A 53 -11.05 17.27 -6.89
CA ASP A 53 -11.33 15.84 -6.78
C ASP A 53 -10.16 15.11 -6.11
N TYR A 54 -10.38 14.58 -4.91
CA TYR A 54 -9.34 13.82 -4.21
CA TYR A 54 -9.28 13.86 -4.26
C TYR A 54 -8.98 12.51 -4.89
N VAL A 55 -9.84 12.00 -5.76
CA VAL A 55 -9.53 10.76 -6.47
C VAL A 55 -8.42 11.02 -7.50
N ARG A 56 -8.53 12.10 -8.24
CA ARG A 56 -7.52 12.47 -9.25
C ARG A 56 -6.22 12.86 -8.53
N LEU A 57 -6.34 13.57 -7.42
CA LEU A 57 -5.16 13.97 -6.67
C LEU A 57 -4.37 12.74 -6.24
N ALA A 58 -5.04 11.74 -5.68
CA ALA A 58 -4.31 10.55 -5.21
C ALA A 58 -3.64 9.83 -6.37
N SER A 59 -4.35 9.65 -7.48
CA SER A 59 -3.73 8.93 -8.60
C SER A 59 -2.53 9.70 -9.16
N ARG A 60 -2.65 11.01 -9.28
CA ARG A 60 -1.57 11.84 -9.85
C ARG A 60 -0.37 11.81 -8.89
N ALA A 61 -0.62 12.04 -7.60
CA ALA A 61 0.46 11.98 -6.62
C ALA A 61 1.16 10.64 -6.68
N ALA A 62 0.39 9.55 -6.73
CA ALA A 62 1.00 8.22 -6.71
C ALA A 62 1.83 7.97 -7.97
N GLU A 63 1.33 8.40 -9.13
CA GLU A 63 2.07 8.18 -10.36
C GLU A 63 3.41 8.91 -10.32
N ILE A 64 3.43 10.13 -9.78
CA ILE A 64 4.69 10.84 -9.65
C ILE A 64 5.65 10.05 -8.78
N VAL A 65 5.18 9.58 -7.63
CA VAL A 65 6.06 8.88 -6.68
C VAL A 65 6.59 7.60 -7.30
N ALA A 66 5.73 6.88 -8.02
CA ALA A 66 6.09 5.63 -8.69
C ALA A 66 6.94 5.82 -9.94
N GLY A 67 7.14 7.06 -10.39
CA GLY A 67 7.75 7.32 -11.68
C GLY A 67 9.25 7.14 -11.63
N PRO A 68 9.95 7.56 -12.68
CA PRO A 68 11.41 7.48 -12.67
C PRO A 68 11.99 8.24 -11.48
N PRO A 69 13.01 7.67 -10.83
CA PRO A 69 13.43 8.20 -9.53
C PRO A 69 14.10 9.56 -9.62
N ARG A 70 13.91 10.35 -8.56
CA ARG A 70 14.65 11.56 -8.28
C ARG A 70 15.78 11.23 -7.32
N LYS A 71 16.81 12.10 -7.30
CA LYS A 71 17.78 11.97 -6.22
C LYS A 71 17.18 12.39 -4.90
N LEU A 72 16.41 13.47 -4.89
CA LEU A 72 15.90 14.12 -3.68
C LEU A 72 14.39 13.94 -3.55
N ILE A 73 13.90 13.78 -2.30
CA ILE A 73 12.45 13.81 -2.12
C ILE A 73 11.92 15.24 -2.22
N GLU A 74 12.77 16.24 -1.98
CA GLU A 74 12.42 17.61 -2.35
C GLU A 74 11.88 17.71 -3.77
N THR A 75 12.51 17.00 -4.71
CA THR A 75 12.12 17.16 -6.11
C THR A 75 10.80 16.45 -6.38
N VAL A 76 10.59 15.31 -5.74
CA VAL A 76 9.29 14.64 -5.82
C VAL A 76 8.18 15.54 -5.28
N GLY A 77 8.41 16.16 -4.13
CA GLY A 77 7.38 17.00 -3.55
C GLY A 77 7.08 18.22 -4.40
N ALA A 78 8.13 18.83 -4.97
CA ALA A 78 7.92 19.96 -5.87
C ALA A 78 7.11 19.56 -7.10
N GLU A 79 7.31 18.34 -7.63
CA GLU A 79 6.51 17.94 -8.79
C GLU A 79 5.04 17.76 -8.40
N ILE A 80 4.76 17.22 -7.21
CA ILE A 80 3.36 17.10 -6.81
C ILE A 80 2.76 18.47 -6.59
N ALA A 81 3.47 19.35 -5.89
CA ALA A 81 2.96 20.69 -5.60
C ALA A 81 2.70 21.47 -6.89
N ASP A 82 3.63 21.38 -7.85
CA ASP A 82 3.42 21.97 -9.16
C ASP A 82 2.08 21.54 -9.76
N HIS A 83 1.77 20.25 -9.64
CA HIS A 83 0.53 19.76 -10.24
C HIS A 83 -0.68 20.44 -9.59
N VAL A 84 -0.69 20.51 -8.25
CA VAL A 84 -1.84 21.06 -7.55
C VAL A 84 -2.06 22.53 -7.92
N MET A 85 -0.98 23.32 -7.98
CA MET A 85 -1.13 24.75 -8.25
CA MET A 85 -1.10 24.75 -8.26
C MET A 85 -1.55 25.03 -9.68
N ASP A 86 -1.48 24.05 -10.57
CA ASP A 86 -1.98 24.27 -11.92
C ASP A 86 -3.49 24.45 -11.93
N ASP A 87 -4.17 24.16 -10.83
CA ASP A 87 -5.59 24.45 -10.72
C ASP A 87 -5.73 25.83 -10.11
N GLN A 88 -6.28 26.76 -10.88
CA GLN A 88 -6.31 28.18 -10.54
C GLN A 88 -7.13 28.46 -9.29
N ARG A 89 -7.96 27.52 -8.85
CA ARG A 89 -8.79 27.71 -7.67
C ARG A 89 -8.03 27.50 -6.38
N VAL A 90 -6.88 26.85 -6.46
CA VAL A 90 -6.13 26.50 -5.26
C VAL A 90 -5.39 27.73 -4.77
N HIS A 91 -5.54 28.04 -3.49
CA HIS A 91 -4.83 29.15 -2.87
C HIS A 91 -3.40 28.74 -2.49
N ALA A 92 -3.24 27.54 -1.96
CA ALA A 92 -1.94 27.08 -1.46
C ALA A 92 -1.97 25.56 -1.37
N VAL A 93 -0.81 24.97 -1.22
CA VAL A 93 -0.69 23.52 -1.05
C VAL A 93 0.55 23.23 -0.22
N GLU A 94 0.46 22.20 0.61
CA GLU A 94 1.61 21.62 1.29
C GLU A 94 1.67 20.15 0.89
N VAL A 95 2.82 19.70 0.37
CA VAL A 95 3.04 18.29 0.04
C VAL A 95 4.16 17.76 0.94
N ALA A 96 3.84 16.75 1.75
CA ALA A 96 4.82 16.09 2.61
C ALA A 96 5.23 14.79 1.96
N VAL A 97 6.51 14.65 1.65
CA VAL A 97 7.04 13.40 1.14
C VAL A 97 7.82 12.78 2.28
N HIS A 98 7.32 11.66 2.79
CA HIS A 98 7.93 10.91 3.90
C HIS A 98 8.76 9.76 3.35
N LYS A 99 9.93 9.57 3.92
CA LYS A 99 10.85 8.51 3.51
C LYS A 99 11.17 7.72 4.77
N PRO A 100 10.18 7.00 5.29
CA PRO A 100 10.33 6.41 6.63
C PRO A 100 11.34 5.27 6.70
N GLN A 101 11.78 4.74 5.58
CA GLN A 101 12.76 3.67 5.54
C GLN A 101 14.12 4.19 5.12
N ALA A 102 14.30 5.50 5.13
CA ALA A 102 15.53 6.09 4.63
C ALA A 102 16.73 5.38 5.26
N PRO A 103 17.81 5.20 4.51
CA PRO A 103 19.03 4.62 5.11
C PRO A 103 19.73 5.60 6.01
N ILE A 104 19.48 5.51 7.31
CA ILE A 104 20.10 6.37 8.32
C ILE A 104 20.57 5.41 9.39
N PRO A 105 21.84 5.44 9.81
CA PRO A 105 22.30 4.49 10.82
C PRO A 105 21.56 4.60 12.17
N GLN A 106 20.81 5.68 12.40
CA GLN A 106 20.16 5.96 13.66
C GLN A 106 18.75 5.38 13.69
N THR A 107 18.20 5.26 14.90
CA THR A 107 16.82 4.82 15.08
C THR A 107 15.90 6.03 15.05
N PHE A 108 14.93 6.05 14.14
CA PHE A 108 14.03 7.19 14.02
C PHE A 108 12.70 6.73 13.44
N ASP A 109 11.65 7.54 13.68
CA ASP A 109 10.33 7.15 13.19
C ASP A 109 10.14 7.57 11.74
N ASP A 110 10.57 8.78 11.39
CA ASP A 110 10.24 9.27 10.06
C ASP A 110 11.17 10.40 9.72
N VAL A 111 11.42 10.58 8.42
CA VAL A 111 12.03 11.79 7.90
C VAL A 111 11.23 12.22 6.66
N ALA A 112 11.04 13.53 6.51
CA ALA A 112 10.19 14.05 5.44
C ALA A 112 10.62 15.46 5.07
N VAL A 113 10.21 15.87 3.88
CA VAL A 113 10.28 17.25 3.43
C VAL A 113 8.87 17.68 3.13
N VAL A 114 8.57 18.95 3.36
CA VAL A 114 7.26 19.50 3.07
C VAL A 114 7.48 20.67 2.14
N ILE A 115 6.88 20.59 0.97
CA ILE A 115 7.06 21.66 -0.05
C ILE A 115 5.77 22.50 -0.01
N ARG A 116 5.89 23.77 0.28
CA ARG A 116 4.73 24.69 0.35
C ARG A 116 4.73 25.63 -0.85
N ARG A 117 3.55 25.88 -1.39
CA ARG A 117 3.31 26.81 -2.51
C ARG A 117 2.03 27.58 -2.20
N SER A 118 1.95 28.82 -2.67
CA SER A 118 0.74 29.62 -2.47
C SER A 118 0.76 30.74 -3.49
N ARG A 119 -0.40 31.37 -3.67
CA ARG A 119 -0.53 32.47 -4.62
C ARG A 119 -0.05 33.78 -4.01
N ALA B 2 7.13 -24.17 16.92
CA ALA B 2 8.17 -24.57 15.95
C ALA B 2 8.61 -23.35 15.14
N ASP B 3 9.54 -23.54 14.20
CA ASP B 3 10.05 -22.46 13.37
C ASP B 3 8.94 -21.97 12.45
N ARG B 4 8.89 -20.66 12.22
CA ARG B 4 7.92 -20.17 11.24
C ARG B 4 8.40 -18.88 10.59
N ILE B 5 7.80 -18.59 9.44
CA ILE B 5 7.98 -17.34 8.71
C ILE B 5 6.66 -16.58 8.77
N GLU B 6 6.72 -15.30 9.11
CA GLU B 6 5.51 -14.52 9.36
C GLU B 6 5.53 -13.28 8.49
N LEU B 7 4.61 -13.21 7.54
CA LEU B 7 4.35 -12.02 6.75
C LEU B 7 3.07 -11.36 7.29
N ARG B 8 3.15 -10.07 7.58
CA ARG B 8 2.01 -9.41 8.22
C ARG B 8 1.64 -8.16 7.46
N GLY B 9 0.35 -8.00 7.21
CA GLY B 9 -0.15 -6.73 6.71
C GLY B 9 0.15 -6.46 5.26
N LEU B 10 0.29 -7.50 4.43
CA LEU B 10 0.38 -7.30 2.98
C LEU B 10 -0.90 -6.62 2.48
N THR B 11 -0.77 -5.44 1.90
CA THR B 11 -1.92 -4.58 1.58
C THR B 11 -2.08 -4.46 0.08
N VAL B 12 -3.24 -4.89 -0.43
CA VAL B 12 -3.45 -5.04 -1.87
C VAL B 12 -4.89 -4.67 -2.19
N HIS B 13 -5.08 -3.78 -3.17
CA HIS B 13 -6.40 -3.49 -3.68
C HIS B 13 -6.97 -4.66 -4.47
N GLY B 14 -8.25 -4.97 -4.23
CA GLY B 14 -8.93 -6.06 -4.91
C GLY B 14 -10.40 -5.77 -5.10
N ARG B 15 -11.10 -6.71 -5.76
CA ARG B 15 -12.51 -6.55 -6.07
C ARG B 15 -13.36 -7.72 -5.58
N HIS B 16 -12.86 -8.49 -4.62
CA HIS B 16 -13.64 -9.59 -4.06
C HIS B 16 -14.84 -9.07 -3.28
N GLY B 17 -15.91 -9.86 -3.26
CA GLY B 17 -17.11 -9.47 -2.56
C GLY B 17 -18.34 -10.14 -3.17
N VAL B 18 -19.35 -10.31 -2.33
CA VAL B 18 -20.60 -10.95 -2.74
C VAL B 18 -21.45 -10.04 -3.60
N TYR B 19 -21.41 -8.74 -3.35
CA TYR B 19 -22.40 -7.81 -3.91
C TYR B 19 -21.86 -7.02 -5.10
N ASP B 20 -22.74 -6.75 -6.06
CA ASP B 20 -22.36 -6.00 -7.26
C ASP B 20 -21.69 -4.68 -6.92
N HIS B 21 -22.20 -3.97 -5.92
CA HIS B 21 -21.64 -2.65 -5.63
C HIS B 21 -20.17 -2.72 -5.24
N GLU B 22 -19.70 -3.90 -4.79
CA GLU B 22 -18.31 -4.07 -4.36
C GLU B 22 -17.36 -4.31 -5.52
N ARG B 23 -17.89 -4.72 -6.67
CA ARG B 23 -17.06 -4.95 -7.85
C ARG B 23 -16.82 -3.69 -8.68
N VAL B 24 -17.52 -2.60 -8.39
CA VAL B 24 -17.37 -1.38 -9.21
C VAL B 24 -15.98 -0.78 -9.00
N ALA B 25 -15.65 -0.42 -7.75
CA ALA B 25 -14.37 0.20 -7.42
C ALA B 25 -13.44 -0.70 -6.60
N GLY B 26 -13.95 -1.74 -5.98
CA GLY B 26 -13.09 -2.57 -5.17
C GLY B 26 -12.78 -1.91 -3.84
N GLN B 27 -11.87 -2.54 -3.10
CA GLN B 27 -11.56 -2.09 -1.76
C GLN B 27 -10.22 -2.69 -1.34
N ARG B 28 -9.76 -2.28 -0.15
CA ARG B 28 -8.51 -2.73 0.44
C ARG B 28 -8.62 -4.12 1.03
N PHE B 29 -7.65 -4.98 0.72
CA PHE B 29 -7.51 -6.24 1.43
C PHE B 29 -6.15 -6.32 2.12
N VAL B 30 -6.10 -6.96 3.27
CA VAL B 30 -4.87 -7.05 4.05
C VAL B 30 -4.64 -8.52 4.36
N ILE B 31 -3.45 -9.02 3.98
CA ILE B 31 -3.12 -10.45 4.05
C ILE B 31 -2.03 -10.66 5.10
N ASP B 32 -2.22 -11.65 5.95
CA ASP B 32 -1.14 -12.25 6.74
C ASP B 32 -0.94 -13.69 6.28
N VAL B 33 0.32 -14.12 6.20
CA VAL B 33 0.65 -15.54 5.98
C VAL B 33 1.59 -15.99 7.08
N THR B 34 1.36 -17.19 7.60
CA THR B 34 2.28 -17.83 8.52
C THR B 34 2.61 -19.20 7.97
N VAL B 35 3.90 -19.49 7.83
CA VAL B 35 4.40 -20.73 7.24
C VAL B 35 5.20 -21.46 8.29
N TRP B 36 4.77 -22.68 8.64
CA TRP B 36 5.51 -23.54 9.55
C TRP B 36 6.44 -24.44 8.74
N ILE B 37 7.74 -24.34 9.05
CA ILE B 37 8.80 -24.92 8.21
C ILE B 37 10.06 -25.01 9.05
N ASP B 38 10.82 -26.10 8.87
CA ASP B 38 12.08 -26.25 9.60
C ASP B 38 13.13 -25.31 9.03
N LEU B 39 13.69 -24.44 9.87
CA LEU B 39 14.62 -23.41 9.45
C LEU B 39 16.06 -23.68 9.87
N ALA B 40 16.32 -24.80 10.55
CA ALA B 40 17.67 -25.10 11.00
C ALA B 40 18.64 -25.20 9.83
N GLU B 41 18.22 -25.86 8.75
CA GLU B 41 19.12 -26.05 7.62
C GLU B 41 19.53 -24.70 7.03
N ALA B 42 18.54 -23.83 6.82
CA ALA B 42 18.83 -22.51 6.28
C ALA B 42 19.75 -21.71 7.19
N ALA B 43 19.58 -21.82 8.50
CA ALA B 43 20.50 -21.14 9.40
C ALA B 43 21.88 -21.77 9.36
N ASN B 44 21.96 -23.08 9.12
CA ASN B 44 23.26 -23.74 8.99
C ASN B 44 23.96 -23.27 7.72
N SER B 45 23.25 -23.30 6.57
CA SER B 45 23.84 -22.97 5.28
C SER B 45 23.92 -21.46 5.05
N ASP B 46 23.02 -20.69 5.65
CA ASP B 46 22.82 -19.28 5.32
C ASP B 46 22.51 -19.11 3.83
N ASP B 47 21.86 -20.11 3.24
N ASP B 47 21.86 -20.11 3.27
CA ASP B 47 21.54 -20.14 1.81
CA ASP B 47 21.56 -20.14 1.82
C ASP B 47 20.04 -19.96 1.63
C ASP B 47 20.06 -19.95 1.62
N LEU B 48 19.67 -18.93 0.86
CA LEU B 48 18.25 -18.64 0.64
C LEU B 48 17.50 -19.84 0.10
N ALA B 49 18.16 -20.65 -0.72
CA ALA B 49 17.54 -21.84 -1.28
C ALA B 49 17.05 -22.80 -0.18
N ASP B 50 17.61 -22.75 1.02
CA ASP B 50 17.20 -23.69 2.06
C ASP B 50 16.02 -23.21 2.88
N THR B 51 15.43 -22.06 2.57
CA THR B 51 14.24 -21.58 3.28
C THR B 51 13.18 -21.19 2.26
N TYR B 52 12.02 -20.75 2.74
CA TYR B 52 10.97 -20.22 1.87
C TYR B 52 11.17 -18.72 1.70
N ASP B 53 11.42 -18.28 0.48
CA ASP B 53 11.75 -16.87 0.23
C ASP B 53 10.54 -15.99 0.48
N TYR B 54 10.66 -15.03 1.42
CA TYR B 54 9.49 -14.22 1.77
C TYR B 54 9.11 -13.25 0.65
N VAL B 55 10.01 -13.01 -0.30
CA VAL B 55 9.66 -12.22 -1.48
C VAL B 55 8.67 -12.99 -2.36
N ARG B 56 8.95 -14.27 -2.57
CA ARG B 56 8.04 -15.13 -3.35
C ARG B 56 6.69 -15.19 -2.62
N LEU B 57 6.74 -15.34 -1.30
CA LEU B 57 5.51 -15.38 -0.52
CA LEU B 57 5.51 -15.38 -0.51
C LEU B 57 4.66 -14.13 -0.73
N ALA B 58 5.27 -12.95 -0.61
CA ALA B 58 4.52 -11.71 -0.75
C ALA B 58 4.04 -11.49 -2.18
N SER B 59 4.93 -11.65 -3.17
CA SER B 59 4.55 -11.31 -4.53
C SER B 59 3.43 -12.20 -5.04
N ARG B 60 3.51 -13.51 -4.75
CA ARG B 60 2.48 -14.42 -5.24
C ARG B 60 1.14 -14.16 -4.54
N ALA B 61 1.15 -14.00 -3.21
CA ALA B 61 -0.10 -13.70 -2.51
C ALA B 61 -0.75 -12.44 -3.07
N ALA B 62 0.04 -11.39 -3.29
CA ALA B 62 -0.47 -10.14 -3.86
C ALA B 62 -1.09 -10.36 -5.24
N GLU B 63 -0.40 -11.12 -6.11
CA GLU B 63 -0.95 -11.41 -7.43
C GLU B 63 -2.33 -12.07 -7.33
N ILE B 64 -2.49 -13.02 -6.41
CA ILE B 64 -3.79 -13.65 -6.23
C ILE B 64 -4.83 -12.61 -5.78
N VAL B 65 -4.48 -11.81 -4.76
CA VAL B 65 -5.44 -10.85 -4.22
C VAL B 65 -5.90 -9.86 -5.28
N ALA B 66 -4.97 -9.37 -6.09
CA ALA B 66 -5.27 -8.41 -7.15
C ALA B 66 -5.89 -9.04 -8.38
N GLY B 67 -5.98 -10.37 -8.44
CA GLY B 67 -6.40 -11.07 -9.63
C GLY B 67 -7.91 -11.23 -9.73
N PRO B 68 -8.37 -12.29 -10.39
CA PRO B 68 -9.81 -12.43 -10.65
C PRO B 68 -10.61 -12.33 -9.36
N PRO B 69 -11.68 -11.54 -9.36
CA PRO B 69 -12.42 -11.32 -8.11
C PRO B 69 -13.13 -12.58 -7.67
N ARG B 70 -13.08 -12.85 -6.37
CA ARG B 70 -13.88 -13.92 -5.80
C ARG B 70 -15.07 -13.32 -5.05
N LYS B 71 -16.11 -14.12 -4.86
CA LYS B 71 -17.22 -13.66 -4.05
C LYS B 71 -16.84 -13.64 -2.57
N LEU B 72 -16.11 -14.66 -2.11
CA LEU B 72 -15.78 -14.84 -0.70
C LEU B 72 -14.28 -14.64 -0.45
N ILE B 73 -13.93 -14.06 0.69
CA ILE B 73 -12.52 -14.02 1.06
C ILE B 73 -12.01 -15.42 1.45
N GLU B 74 -12.89 -16.34 1.85
CA GLU B 74 -12.52 -17.75 2.04
C GLU B 74 -11.83 -18.32 0.80
N THR B 75 -12.35 -18.00 -0.38
CA THR B 75 -11.82 -18.53 -1.62
C THR B 75 -10.44 -17.97 -1.91
N VAL B 76 -10.24 -16.68 -1.64
CA VAL B 76 -8.93 -16.06 -1.79
C VAL B 76 -7.93 -16.71 -0.86
N GLY B 77 -8.28 -16.85 0.42
CA GLY B 77 -7.35 -17.44 1.36
C GLY B 77 -6.97 -18.86 1.00
N ALA B 78 -7.94 -19.64 0.54
CA ALA B 78 -7.65 -21.02 0.17
C ALA B 78 -6.73 -21.07 -1.05
N GLU B 79 -6.90 -20.17 -2.01
CA GLU B 79 -5.99 -20.16 -3.15
C GLU B 79 -4.57 -19.88 -2.69
N ILE B 80 -4.38 -18.86 -1.86
CA ILE B 80 -3.04 -18.54 -1.39
C ILE B 80 -2.44 -19.74 -0.64
N ALA B 81 -3.23 -20.34 0.23
CA ALA B 81 -2.76 -21.47 1.05
C ALA B 81 -2.38 -22.67 0.20
N ASP B 82 -3.22 -23.02 -0.77
CA ASP B 82 -3.01 -24.19 -1.66
C ASP B 82 -1.68 -24.07 -2.43
N HIS B 83 -1.41 -22.88 -2.94
CA HIS B 83 -0.17 -22.61 -3.69
C HIS B 83 1.03 -22.67 -2.74
N VAL B 84 0.90 -22.20 -1.51
CA VAL B 84 2.04 -22.25 -0.55
C VAL B 84 2.42 -23.71 -0.29
N MET B 85 1.45 -24.59 -0.07
CA MET B 85 1.74 -26.01 0.16
C MET B 85 2.29 -26.78 -1.04
N ASP B 86 2.45 -26.19 -2.22
CA ASP B 86 3.24 -26.88 -3.23
C ASP B 86 4.67 -27.10 -2.74
N ASP B 87 5.19 -26.19 -1.92
CA ASP B 87 6.51 -26.40 -1.34
C ASP B 87 6.44 -27.53 -0.32
N GLN B 88 7.05 -28.68 -0.64
CA GLN B 88 6.92 -29.86 0.21
C GLN B 88 7.59 -29.69 1.56
N ARG B 89 8.49 -28.71 1.71
CA ARG B 89 9.11 -28.50 3.01
C ARG B 89 8.14 -27.89 4.02
N VAL B 90 7.03 -27.33 3.56
CA VAL B 90 6.08 -26.64 4.42
C VAL B 90 5.25 -27.65 5.20
N HIS B 91 5.28 -27.53 6.54
CA HIS B 91 4.46 -28.35 7.42
C HIS B 91 3.00 -27.91 7.38
N ALA B 92 2.76 -26.61 7.52
CA ALA B 92 1.42 -26.07 7.56
C ALA B 92 1.50 -24.61 7.15
N VAL B 93 0.36 -24.07 6.71
CA VAL B 93 0.27 -22.65 6.42
C VAL B 93 -1.07 -22.13 6.94
N GLU B 94 -1.06 -20.89 7.39
CA GLU B 94 -2.26 -20.22 7.86
C GLU B 94 -2.30 -18.87 7.16
N VAL B 95 -3.35 -18.63 6.36
CA VAL B 95 -3.52 -17.40 5.60
C VAL B 95 -4.72 -16.66 6.19
N ALA B 96 -4.51 -15.43 6.66
CA ALA B 96 -5.60 -14.57 7.09
C ALA B 96 -5.87 -13.55 5.98
N VAL B 97 -7.10 -13.52 5.50
CA VAL B 97 -7.55 -12.50 4.56
C VAL B 97 -8.46 -11.55 5.35
N HIS B 98 -7.99 -10.31 5.54
CA HIS B 98 -8.73 -9.27 6.22
C HIS B 98 -9.45 -8.41 5.20
N LYS B 99 -10.66 -8.00 5.55
CA LYS B 99 -11.48 -7.13 4.70
C LYS B 99 -11.90 -5.97 5.58
N PRO B 100 -10.94 -5.12 5.96
CA PRO B 100 -11.23 -4.09 6.98
C PRO B 100 -12.29 -3.11 6.56
N GLN B 101 -12.55 -3.00 5.26
CA GLN B 101 -13.49 -2.02 4.74
C GLN B 101 -14.83 -2.66 4.37
N ALA B 102 -15.04 -3.90 4.77
CA ALA B 102 -16.22 -4.64 4.37
C ALA B 102 -17.46 -3.78 4.64
N PRO B 103 -18.47 -3.80 3.74
CA PRO B 103 -19.71 -3.08 4.00
C PRO B 103 -20.53 -3.83 5.03
N ILE B 104 -20.52 -3.32 6.24
CA ILE B 104 -21.31 -3.85 7.36
C ILE B 104 -21.91 -2.61 7.98
N PRO B 105 -23.19 -2.61 8.36
CA PRO B 105 -23.78 -1.36 8.88
C PRO B 105 -23.28 -1.00 10.26
N GLN B 106 -22.75 -1.95 11.02
CA GLN B 106 -22.19 -1.71 12.34
C GLN B 106 -20.78 -1.14 12.26
N THR B 107 -20.34 -0.52 13.36
CA THR B 107 -18.98 0.00 13.49
C THR B 107 -18.07 -1.11 14.02
N PHE B 108 -17.00 -1.40 13.30
CA PHE B 108 -16.10 -2.49 13.71
C PHE B 108 -14.71 -2.17 13.19
N ASP B 109 -13.71 -2.86 13.76
CA ASP B 109 -12.33 -2.64 13.37
C ASP B 109 -11.92 -3.52 12.20
N ASP B 110 -12.30 -4.79 12.22
CA ASP B 110 -11.76 -5.69 11.23
C ASP B 110 -12.66 -6.91 11.10
N VAL B 111 -12.67 -7.50 9.92
CA VAL B 111 -13.29 -8.80 9.72
C VAL B 111 -12.35 -9.59 8.84
N ALA B 112 -12.21 -10.87 9.12
CA ALA B 112 -11.21 -11.66 8.42
C ALA B 112 -11.59 -13.14 8.51
N VAL B 113 -11.07 -13.91 7.56
CA VAL B 113 -11.13 -15.37 7.66
C VAL B 113 -9.70 -15.87 7.64
N VAL B 114 -9.48 -16.97 8.33
CA VAL B 114 -8.17 -17.62 8.41
C VAL B 114 -8.33 -19.03 7.87
N ILE B 115 -7.56 -19.36 6.84
CA ILE B 115 -7.55 -20.68 6.22
C ILE B 115 -6.28 -21.39 6.65
N ARG B 116 -6.41 -22.62 7.12
CA ARG B 116 -5.25 -23.40 7.51
C ARG B 116 -5.17 -24.65 6.65
N ARG B 117 -3.94 -25.05 6.34
CA ARG B 117 -3.65 -26.28 5.63
C ARG B 117 -2.38 -26.86 6.24
N SER B 118 -2.27 -28.19 6.22
CA SER B 118 -1.14 -28.86 6.83
C SER B 118 -0.99 -30.23 6.20
N ARG B 119 0.21 -30.80 6.34
CA ARG B 119 0.45 -32.15 5.83
C ARG B 119 -0.37 -33.17 6.61
O1 B55 C . -16.74 14.20 -1.71
C5 B55 C . -15.63 14.48 -2.52
C2 B55 C . -15.30 13.57 -3.59
N1 B55 C . -15.86 12.46 -4.01
N4 B55 C . -14.88 15.58 -2.30
C4 B55 C . -13.74 15.83 -3.12
N3 B55 C . -12.94 17.00 -2.88
N2 B55 C . -13.42 14.98 -4.15
C3 B55 C . -14.20 13.85 -4.37
N5 B55 C . -14.09 12.93 -5.25
C1 B55 C . -15.10 12.09 -5.06
S1 B55 C . -15.40 10.63 -6.06
HN4 B55 C . -15.10 16.20 -1.55
HN3 B55 C . -13.28 17.91 -3.14
HN3A B55 C . -12.01 16.90 -2.50
HS1 B55 C . -15.89 11.00 -7.24
O1 B55 D . 16.36 -13.47 5.35
C5 B55 D . 15.38 -14.06 4.54
C2 B55 D . 15.17 -13.60 3.18
N1 B55 D . 15.76 -12.63 2.49
N4 B55 D . 14.60 -15.07 5.03
C4 B55 D . 13.59 -15.67 4.20
N3 B55 D . 12.79 -16.74 4.72
N2 B55 D . 13.38 -15.20 2.88
C3 B55 D . 14.19 -14.17 2.40
N5 B55 D . 14.21 -13.58 1.25
C1 B55 D . 15.17 -12.65 1.29
S1 B55 D . 15.60 -11.56 -0.08
HN4 B55 D . 14.74 -15.41 5.97
HN3 B55 D . 13.09 -17.70 4.59
HN3A B55 D . 11.91 -16.54 5.18
HS1 B55 D . 16.53 -12.13 -0.83
#